data_5ELI
#
_entry.id   5ELI
#
_cell.length_a   125.763
_cell.length_b   125.763
_cell.length_c   183.659
_cell.angle_alpha   90.00
_cell.angle_beta   90.00
_cell.angle_gamma   120.00
#
_symmetry.space_group_name_H-M   'P 64 2 2'
#
loop_
_entity.id
_entity.type
_entity.pdbx_description
1 polymer 'Triggering receptor expressed on myeloid cells 2'
2 non-polymer 2-acetamido-2-deoxy-beta-D-glucopyranose
#
_entity_poly.entity_id   1
_entity_poly.type   'polypeptide(L)'
_entity_poly.pdbx_seq_one_letter_code
;TGHNTTVFQGVAGQSLQVSCPYDSMKHWGRRKAWCRQLGEKGPCQRVVSTHNLWLLSFLRRWNGSTAITDDTLGGTLTIT
LRNLQPHDAGLYQCQSLHGSEADTLRKVLVEVLADPLGTKHHHHHH
;
_entity_poly.pdbx_strand_id   A,B
#
loop_
_chem_comp.id
_chem_comp.type
_chem_comp.name
_chem_comp.formula
NAG D-saccharide, beta linking 2-acetamido-2-deoxy-beta-D-glucopyranose 'C8 H15 N O6'
#
# COMPACT_ATOMS: atom_id res chain seq x y z
N ASN A 4 -18.35 8.37 20.67
CA ASN A 4 -18.25 9.56 19.84
C ASN A 4 -17.15 9.54 18.77
N THR A 5 -17.43 8.90 17.63
CA THR A 5 -16.57 9.08 16.47
C THR A 5 -16.79 10.44 15.83
N THR A 6 -15.92 10.78 14.88
CA THR A 6 -16.02 12.05 14.18
C THR A 6 -16.15 11.78 12.68
N VAL A 7 -16.70 12.77 11.96
CA VAL A 7 -17.13 12.57 10.58
C VAL A 7 -16.38 13.54 9.67
N PHE A 8 -16.11 13.10 8.45
CA PHE A 8 -15.40 13.88 7.44
C PHE A 8 -16.13 13.76 6.11
N GLN A 9 -16.57 14.88 5.54
CA GLN A 9 -17.37 14.89 4.32
C GLN A 9 -16.51 15.27 3.12
N GLY A 10 -16.64 14.52 2.04
CA GLY A 10 -15.87 14.77 0.84
C GLY A 10 -16.71 14.77 -0.42
N VAL A 11 -16.40 15.71 -1.31
CA VAL A 11 -16.93 15.63 -2.67
C VAL A 11 -16.20 14.52 -3.42
N ALA A 12 -16.96 13.65 -4.05
CA ALA A 12 -16.35 12.57 -4.82
C ALA A 12 -15.58 13.14 -6.00
N GLY A 13 -14.54 12.41 -6.41
CA GLY A 13 -13.67 12.83 -7.49
C GLY A 13 -12.62 13.85 -7.11
N GLN A 14 -12.60 14.33 -5.87
CA GLN A 14 -11.60 15.29 -5.41
C GLN A 14 -11.15 14.87 -4.02
N SER A 15 -9.98 15.36 -3.61
CA SER A 15 -9.24 14.76 -2.52
C SER A 15 -9.68 15.29 -1.15
N LEU A 16 -9.56 14.41 -0.15
CA LEU A 16 -9.99 14.66 1.22
C LEU A 16 -8.84 14.39 2.17
N GLN A 17 -8.66 15.25 3.17
CA GLN A 17 -7.62 15.06 4.17
C GLN A 17 -8.25 14.95 5.55
N VAL A 18 -7.79 13.96 6.33
CA VAL A 18 -8.20 13.78 7.71
C VAL A 18 -6.97 13.92 8.60
N SER A 19 -7.16 14.54 9.76
CA SER A 19 -6.06 14.83 10.67
C SER A 19 -6.34 14.14 12.01
N CYS A 20 -5.41 13.31 12.44
CA CYS A 20 -5.45 12.67 13.74
C CYS A 20 -4.41 13.33 14.64
N PRO A 21 -4.82 14.17 15.58
CA PRO A 21 -3.86 14.75 16.52
C PRO A 21 -3.50 13.75 17.60
N TYR A 22 -2.32 13.92 18.18
CA TYR A 22 -1.91 13.04 19.26
C TYR A 22 -0.79 13.69 20.06
N ASP A 23 -0.51 13.06 21.21
CA ASP A 23 0.54 13.47 22.13
C ASP A 23 1.88 13.03 21.57
N SER A 24 2.68 14.00 21.09
CA SER A 24 3.95 13.67 20.45
C SER A 24 4.85 12.86 21.37
N MET A 25 4.75 13.08 22.68
CA MET A 25 5.59 12.43 23.68
C MET A 25 5.08 11.04 24.05
N LYS A 26 3.77 10.93 24.33
CA LYS A 26 3.17 9.65 24.64
C LYS A 26 3.53 8.59 23.59
N HIS A 27 3.40 8.95 22.32
CA HIS A 27 3.62 8.05 21.21
C HIS A 27 4.99 8.24 20.55
N TRP A 28 5.97 8.77 21.28
CA TRP A 28 7.29 8.99 20.70
C TRP A 28 7.89 7.68 20.20
N GLY A 29 8.50 7.73 19.02
CA GLY A 29 9.13 6.56 18.46
C GLY A 29 8.20 5.52 17.89
N ARG A 30 6.90 5.79 17.88
CA ARG A 30 5.87 4.82 17.51
C ARG A 30 5.46 5.00 16.06
N ARG A 31 5.41 3.90 15.33
CA ARG A 31 4.87 3.93 13.97
C ARG A 31 3.36 4.12 14.03
N LYS A 32 2.80 4.58 12.90
CA LYS A 32 1.37 4.84 12.82
C LYS A 32 0.82 4.13 11.59
N ALA A 33 -0.48 3.88 11.63
CA ALA A 33 -1.16 3.14 10.57
C ALA A 33 -2.57 3.67 10.40
N TRP A 34 -3.07 3.55 9.18
CA TRP A 34 -4.44 3.91 8.83
C TRP A 34 -5.12 2.65 8.31
N CYS A 35 -6.25 2.29 8.93
CA CYS A 35 -6.97 1.06 8.61
C CYS A 35 -8.47 1.35 8.51
N ARG A 36 -9.17 0.42 7.86
CA ARG A 36 -10.59 0.48 7.56
C ARG A 36 -11.32 -0.66 8.26
N GLN A 37 -12.58 -0.40 8.60
CA GLN A 37 -13.42 -1.29 9.40
C GLN A 37 -14.45 -2.00 8.53
N LEU A 38 -14.78 -3.24 8.92
CA LEU A 38 -15.74 -4.09 8.20
C LEU A 38 -16.86 -4.42 9.17
N GLY A 39 -18.07 -3.93 8.90
CA GLY A 39 -19.13 -4.15 9.85
C GLY A 39 -18.83 -3.41 11.14
N GLU A 40 -19.28 -3.98 12.25
CA GLU A 40 -19.10 -3.31 13.54
C GLU A 40 -17.88 -3.82 14.29
N LYS A 41 -17.98 -4.99 14.92
CA LYS A 41 -17.00 -5.39 15.92
C LYS A 41 -15.61 -5.59 15.33
N GLY A 42 -15.54 -6.00 14.07
CA GLY A 42 -14.25 -6.09 13.40
C GLY A 42 -14.37 -6.76 12.05
N PRO A 43 -13.24 -6.96 11.37
CA PRO A 43 -11.85 -6.59 11.71
C PRO A 43 -11.41 -5.22 11.17
N CYS A 44 -10.25 -4.73 11.59
CA CYS A 44 -9.68 -3.51 11.04
C CYS A 44 -8.47 -3.92 10.22
N GLN A 45 -8.43 -3.48 8.96
CA GLN A 45 -7.50 -4.01 7.99
C GLN A 45 -6.56 -2.90 7.55
N ARG A 46 -5.26 -3.15 7.64
CA ARG A 46 -4.31 -2.07 7.47
C ARG A 46 -4.29 -1.63 6.02
N VAL A 47 -4.52 -0.34 5.80
CA VAL A 47 -4.34 0.25 4.49
C VAL A 47 -2.90 0.68 4.30
N VAL A 48 -2.34 1.44 5.24
CA VAL A 48 -0.97 1.92 5.06
C VAL A 48 -0.40 2.32 6.39
N SER A 49 0.91 2.24 6.53
CA SER A 49 1.58 2.69 7.74
C SER A 49 2.69 3.68 7.38
N THR A 50 3.03 4.52 8.36
CA THR A 50 4.13 5.47 8.19
C THR A 50 5.45 4.73 8.02
N HIS A 51 6.49 5.49 7.69
CA HIS A 51 7.77 4.87 7.38
C HIS A 51 8.24 3.99 8.53
N ASN A 52 8.86 2.87 8.17
CA ASN A 52 9.27 1.87 9.15
C ASN A 52 10.34 2.41 10.09
N LEU A 53 11.20 3.29 9.59
CA LEU A 53 12.16 4.02 10.41
C LEU A 53 11.52 5.31 10.91
N TRP A 54 11.35 5.43 12.23
CA TRP A 54 10.55 6.52 12.81
C TRP A 54 11.08 7.90 12.45
N LEU A 55 12.40 8.08 12.42
CA LEU A 55 12.94 9.38 12.05
C LEU A 55 12.53 9.80 10.65
N LEU A 56 12.11 8.86 9.79
CA LEU A 56 11.68 9.19 8.44
C LEU A 56 10.17 9.15 8.28
N SER A 57 9.42 9.22 9.39
CA SER A 57 7.97 9.08 9.24
C SER A 57 7.34 10.34 8.64
N PHE A 58 8.10 11.42 8.50
CA PHE A 58 7.58 12.56 7.75
C PHE A 58 7.43 12.26 6.27
N LEU A 59 7.96 11.14 5.78
CA LEU A 59 7.82 10.82 4.37
C LEU A 59 6.43 10.27 4.10
N ARG A 60 5.76 10.86 3.10
CA ARG A 60 4.52 10.33 2.59
C ARG A 60 4.66 8.87 2.19
N ARG A 61 3.65 8.08 2.50
CA ARG A 61 3.54 6.69 2.10
C ARG A 61 2.23 6.48 1.38
N TRP A 62 2.23 5.65 0.33
CA TRP A 62 1.04 5.43 -0.47
C TRP A 62 0.65 3.96 -0.48
N ASN A 63 -0.65 3.69 -0.36
CA ASN A 63 -1.27 2.48 -0.88
C ASN A 63 -2.29 2.91 -1.90
N GLY A 64 -1.92 2.81 -3.18
CA GLY A 64 -2.75 3.31 -4.25
C GLY A 64 -3.16 4.75 -4.01
N SER A 65 -4.45 4.96 -3.84
CA SER A 65 -5.01 6.30 -3.72
C SER A 65 -4.94 6.85 -2.31
N THR A 66 -4.30 6.17 -1.37
CA THR A 66 -4.28 6.62 0.02
C THR A 66 -2.85 6.96 0.44
N ALA A 67 -2.68 8.13 1.06
CA ALA A 67 -1.38 8.59 1.48
C ALA A 67 -1.41 8.88 2.97
N ILE A 68 -0.28 8.66 3.64
CA ILE A 68 -0.14 8.87 5.06
C ILE A 68 1.15 9.65 5.29
N THR A 69 1.08 10.63 6.19
CA THR A 69 2.25 11.39 6.58
C THR A 69 2.13 11.74 8.05
N ASP A 70 3.27 11.77 8.73
CA ASP A 70 3.29 11.87 10.19
C ASP A 70 4.18 13.03 10.61
N ASP A 71 3.63 13.93 11.41
CA ASP A 71 4.38 15.03 12.01
C ASP A 71 4.57 14.64 13.47
N THR A 72 5.67 13.92 13.74
CA THR A 72 5.89 13.32 15.04
C THR A 72 6.26 14.34 16.10
N LEU A 73 6.78 15.50 15.69
CA LEU A 73 7.14 16.53 16.66
C LEU A 73 5.91 17.28 17.12
N GLY A 74 5.13 17.83 16.19
CA GLY A 74 3.87 18.45 16.57
C GLY A 74 2.82 17.46 16.99
N GLY A 75 2.91 16.22 16.52
CA GLY A 75 1.99 15.18 16.92
C GLY A 75 0.72 15.24 16.11
N THR A 76 0.85 15.17 14.78
CA THR A 76 -0.32 15.20 13.89
C THR A 76 -0.11 14.24 12.75
N LEU A 77 -0.97 13.23 12.67
CA LEU A 77 -1.00 12.29 11.56
C LEU A 77 -1.99 12.83 10.54
N THR A 78 -1.66 12.68 9.26
CA THR A 78 -2.51 13.23 8.21
C THR A 78 -2.65 12.22 7.10
N ILE A 79 -3.89 11.82 6.81
CA ILE A 79 -4.22 10.88 5.76
C ILE A 79 -4.89 11.64 4.62
N THR A 80 -4.48 11.34 3.40
CA THR A 80 -5.08 11.94 2.21
C THR A 80 -5.70 10.82 1.39
N LEU A 81 -7.01 10.93 1.16
CA LEU A 81 -7.72 10.08 0.21
C LEU A 81 -7.79 10.89 -1.07
N ARG A 82 -6.91 10.57 -2.02
CA ARG A 82 -6.83 11.28 -3.27
C ARG A 82 -7.92 10.76 -4.19
N ASN A 83 -8.74 11.68 -4.73
CA ASN A 83 -9.82 11.32 -5.63
C ASN A 83 -10.80 10.41 -4.88
N LEU A 84 -11.63 11.01 -4.03
CA LEU A 84 -12.58 10.23 -3.25
C LEU A 84 -13.57 9.54 -4.16
N GLN A 85 -13.97 8.33 -3.77
CA GLN A 85 -14.88 7.49 -4.52
C GLN A 85 -16.11 7.15 -3.68
N PRO A 86 -17.19 6.66 -4.31
CA PRO A 86 -18.30 6.13 -3.49
C PRO A 86 -17.86 5.00 -2.59
N HIS A 87 -17.22 3.97 -3.15
CA HIS A 87 -16.78 2.83 -2.36
C HIS A 87 -15.71 3.20 -1.35
N ASP A 88 -15.08 4.37 -1.48
CA ASP A 88 -14.11 4.78 -0.46
C ASP A 88 -14.80 5.20 0.83
N ALA A 89 -16.11 5.45 0.79
CA ALA A 89 -16.84 5.84 1.99
C ALA A 89 -16.87 4.67 2.98
N GLY A 90 -16.91 5.00 4.27
CA GLY A 90 -16.94 3.98 5.30
C GLY A 90 -16.32 4.48 6.59
N LEU A 91 -16.04 3.54 7.48
CA LEU A 91 -15.60 3.80 8.85
C LEU A 91 -14.13 3.38 8.99
N TYR A 92 -13.27 4.34 9.32
CA TYR A 92 -11.83 4.15 9.44
C TYR A 92 -11.31 4.57 10.81
N GLN A 93 -10.05 4.18 11.10
CA GLN A 93 -9.37 4.68 12.27
C GLN A 93 -7.86 4.80 12.06
N CYS A 94 -7.27 5.72 12.83
CA CYS A 94 -5.83 5.92 12.98
C CYS A 94 -5.31 5.15 14.19
N GLN A 95 -4.12 4.58 14.04
CA GLN A 95 -3.57 3.68 15.04
C GLN A 95 -2.10 3.97 15.31
N SER A 96 -1.75 4.01 16.58
CA SER A 96 -0.35 4.07 17.02
C SER A 96 0.08 2.67 17.40
N LEU A 97 1.14 2.18 16.79
CA LEU A 97 1.52 0.78 16.94
C LEU A 97 2.64 0.63 17.96
N HIS A 98 2.50 -0.36 18.84
CA HIS A 98 3.59 -0.74 19.72
C HIS A 98 3.55 -2.26 19.92
N GLY A 99 4.63 -2.92 19.53
CA GLY A 99 4.71 -4.36 19.63
C GLY A 99 3.59 -5.01 18.84
N SER A 100 3.01 -6.06 19.43
CA SER A 100 1.90 -6.74 18.80
C SER A 100 0.64 -5.88 18.74
N GLU A 101 0.51 -4.87 19.60
CA GLU A 101 -0.75 -4.15 19.73
C GLU A 101 -0.75 -2.83 18.97
N ALA A 102 -1.96 -2.30 18.79
CA ALA A 102 -2.19 -0.99 18.19
C ALA A 102 -3.22 -0.29 19.05
N ASP A 103 -2.96 0.99 19.34
CA ASP A 103 -3.89 1.83 20.07
C ASP A 103 -4.58 2.77 19.11
N THR A 104 -5.76 3.23 19.49
CA THR A 104 -6.63 3.97 18.59
C THR A 104 -6.48 5.45 18.89
N LEU A 105 -6.04 6.21 17.88
CA LEU A 105 -5.80 7.63 18.04
C LEU A 105 -7.04 8.44 17.69
N ARG A 106 -7.81 7.98 16.70
CA ARG A 106 -9.04 8.66 16.33
C ARG A 106 -9.90 7.69 15.53
N LYS A 107 -11.21 7.96 15.53
CA LYS A 107 -12.21 7.11 14.89
C LYS A 107 -13.09 7.99 14.00
N VAL A 108 -13.16 7.66 12.70
CA VAL A 108 -13.81 8.55 11.74
C VAL A 108 -14.70 7.80 10.77
N LEU A 109 -15.75 8.50 10.32
CA LEU A 109 -16.54 8.18 9.14
C LEU A 109 -16.12 9.11 8.01
N VAL A 110 -16.16 8.59 6.79
CA VAL A 110 -16.03 9.42 5.60
C VAL A 110 -17.36 9.37 4.83
N GLU A 111 -17.80 10.53 4.36
CA GLU A 111 -18.98 10.64 3.54
C GLU A 111 -18.57 11.18 2.17
N VAL A 112 -19.45 11.00 1.19
CA VAL A 112 -19.17 11.37 -0.20
C VAL A 112 -20.41 12.02 -0.81
N LEU A 113 -20.17 12.98 -1.71
CA LEU A 113 -21.21 13.45 -2.61
C LEU A 113 -20.72 13.41 -4.04
N ALA A 114 -21.54 12.86 -4.94
CA ALA A 114 -21.20 12.82 -6.34
C ALA A 114 -21.15 14.24 -6.91
N ASP A 115 -20.39 14.41 -7.99
CA ASP A 115 -20.39 15.65 -8.75
C ASP A 115 -19.98 16.85 -7.89
N ASN B 4 0.48 -17.99 6.02
CA ASN B 4 -0.59 -17.30 5.32
C ASN B 4 -0.11 -16.10 4.51
N THR B 5 0.31 -16.36 3.27
CA THR B 5 0.51 -15.26 2.36
C THR B 5 -0.86 -14.66 2.03
N THR B 6 -0.87 -13.56 1.31
CA THR B 6 -2.11 -12.83 1.14
C THR B 6 -2.59 -12.92 -0.29
N VAL B 7 -3.88 -12.69 -0.45
CA VAL B 7 -4.60 -13.03 -1.66
C VAL B 7 -5.18 -11.76 -2.26
N PHE B 8 -5.25 -11.76 -3.59
CA PHE B 8 -5.79 -10.64 -4.35
C PHE B 8 -6.78 -11.23 -5.34
N GLN B 9 -8.03 -10.82 -5.21
CA GLN B 9 -9.12 -11.42 -5.96
C GLN B 9 -9.54 -10.47 -7.07
N GLY B 10 -9.61 -10.99 -8.28
CA GLY B 10 -9.95 -10.19 -9.44
C GLY B 10 -10.98 -10.85 -10.30
N VAL B 11 -11.91 -10.04 -10.81
CA VAL B 11 -12.79 -10.45 -11.89
C VAL B 11 -12.00 -10.45 -13.18
N ALA B 12 -12.11 -11.53 -13.96
CA ALA B 12 -11.43 -11.60 -15.24
C ALA B 12 -11.93 -10.51 -16.18
N GLY B 13 -11.08 -10.08 -17.09
CA GLY B 13 -11.44 -9.01 -17.97
C GLY B 13 -11.33 -7.64 -17.36
N GLN B 14 -10.88 -7.55 -16.11
CA GLN B 14 -10.78 -6.29 -15.39
C GLN B 14 -9.44 -6.23 -14.70
N SER B 15 -8.97 -5.01 -14.43
CA SER B 15 -7.59 -4.79 -13.99
C SER B 15 -7.49 -4.83 -12.47
N LEU B 16 -6.34 -5.31 -11.99
CA LEU B 16 -6.10 -5.53 -10.57
C LEU B 16 -4.77 -4.90 -10.18
N GLN B 17 -4.71 -4.25 -9.01
CA GLN B 17 -3.46 -3.64 -8.56
C GLN B 17 -2.99 -4.26 -7.25
N VAL B 18 -1.69 -4.56 -7.16
CA VAL B 18 -1.06 -5.05 -5.96
C VAL B 18 0.04 -4.07 -5.53
N SER B 19 0.17 -3.89 -4.22
CA SER B 19 1.09 -2.92 -3.62
C SER B 19 2.07 -3.66 -2.72
N CYS B 20 3.37 -3.52 -3.01
CA CYS B 20 4.43 -4.06 -2.17
C CYS B 20 5.09 -2.92 -1.41
N PRO B 21 4.84 -2.77 -0.11
CA PRO B 21 5.53 -1.75 0.68
C PRO B 21 6.93 -2.24 1.03
N TYR B 22 7.82 -1.28 1.27
CA TYR B 22 9.16 -1.66 1.67
C TYR B 22 9.88 -0.47 2.32
N ASP B 23 11.00 -0.79 2.96
CA ASP B 23 11.83 0.22 3.58
C ASP B 23 12.65 0.90 2.49
N SER B 24 12.27 2.13 2.15
CA SER B 24 12.93 2.84 1.05
C SER B 24 14.43 3.00 1.29
N MET B 25 14.87 3.05 2.54
CA MET B 25 16.28 3.22 2.85
C MET B 25 17.04 1.90 2.84
N LYS B 26 16.40 0.83 3.32
CA LYS B 26 17.00 -0.50 3.21
C LYS B 26 17.34 -0.84 1.77
N HIS B 27 16.38 -0.63 0.86
CA HIS B 27 16.51 -0.98 -0.53
C HIS B 27 16.88 0.21 -1.39
N TRP B 28 17.51 1.23 -0.80
CA TRP B 28 17.89 2.40 -1.55
C TRP B 28 18.79 2.02 -2.71
N GLY B 29 18.51 2.58 -3.87
CA GLY B 29 19.27 2.32 -5.07
C GLY B 29 19.02 0.97 -5.71
N ARG B 30 18.11 0.16 -5.16
CA ARG B 30 17.87 -1.19 -5.66
C ARG B 30 16.67 -1.19 -6.57
N ARG B 31 16.84 -1.77 -7.76
CA ARG B 31 15.72 -1.96 -8.67
C ARG B 31 14.80 -3.08 -8.17
N LYS B 32 13.59 -3.13 -8.73
CA LYS B 32 12.59 -4.10 -8.33
C LYS B 32 12.12 -4.89 -9.54
N ALA B 33 11.55 -6.06 -9.23
CA ALA B 33 11.09 -6.98 -10.24
C ALA B 33 9.84 -7.69 -9.72
N TRP B 34 8.99 -8.10 -10.64
CA TRP B 34 7.81 -8.90 -10.35
C TRP B 34 7.96 -10.18 -11.14
N CYS B 35 7.94 -11.32 -10.43
CA CYS B 35 8.16 -12.62 -11.06
C CYS B 35 7.16 -13.62 -10.50
N ARG B 36 7.03 -14.76 -11.18
CA ARG B 36 6.09 -15.79 -10.81
C ARG B 36 6.84 -16.99 -10.25
N GLN B 37 6.32 -17.58 -9.19
CA GLN B 37 6.95 -18.68 -8.50
C GLN B 37 6.19 -19.97 -8.80
N LEU B 38 6.92 -21.04 -9.05
CA LEU B 38 6.31 -22.29 -9.46
C LEU B 38 6.72 -23.47 -8.59
N GLY B 39 7.43 -23.23 -7.49
CA GLY B 39 7.93 -24.30 -6.66
C GLY B 39 8.27 -23.84 -5.25
N GLU B 40 9.11 -24.63 -4.58
CA GLU B 40 9.45 -24.40 -3.17
C GLU B 40 10.39 -23.21 -3.01
N LYS B 41 11.70 -23.41 -3.19
CA LYS B 41 12.63 -22.30 -3.17
C LYS B 41 12.67 -21.57 -4.51
N GLY B 42 12.33 -22.28 -5.57
CA GLY B 42 12.30 -21.72 -6.90
C GLY B 42 11.73 -22.74 -7.85
N PRO B 43 11.73 -22.41 -9.15
CA PRO B 43 12.28 -21.12 -9.59
C PRO B 43 11.28 -19.98 -9.62
N CYS B 44 11.75 -18.74 -9.63
CA CYS B 44 10.87 -17.59 -9.82
C CYS B 44 11.35 -16.94 -11.10
N GLN B 45 10.44 -16.76 -12.06
CA GLN B 45 10.86 -16.38 -13.40
C GLN B 45 10.25 -15.05 -13.77
N ARG B 46 11.10 -14.20 -14.32
CA ARG B 46 10.87 -12.76 -14.39
C ARG B 46 9.69 -12.43 -15.29
N VAL B 47 8.74 -11.67 -14.74
CA VAL B 47 7.66 -11.10 -15.55
C VAL B 47 8.11 -9.73 -16.06
N VAL B 48 8.51 -8.84 -15.16
CA VAL B 48 8.90 -7.49 -15.57
C VAL B 48 9.67 -6.84 -14.44
N SER B 49 10.54 -5.90 -14.78
CA SER B 49 11.29 -5.15 -13.78
C SER B 49 11.16 -3.65 -14.04
N THR B 50 11.40 -2.87 -12.98
CA THR B 50 11.42 -1.43 -13.06
C THR B 50 12.54 -0.95 -13.98
N HIS B 51 12.54 0.36 -14.24
CA HIS B 51 13.47 0.94 -15.20
C HIS B 51 14.91 0.57 -14.86
N ASN B 52 15.73 0.33 -15.88
CA ASN B 52 17.09 -0.14 -15.61
C ASN B 52 17.91 0.94 -14.92
N LEU B 53 17.60 2.22 -15.15
CA LEU B 53 18.12 3.31 -14.34
C LEU B 53 17.22 3.52 -13.13
N TRP B 54 17.77 3.27 -11.93
CA TRP B 54 17.00 3.36 -10.70
C TRP B 54 16.39 4.75 -10.53
N LEU B 55 17.09 5.78 -11.00
CA LEU B 55 16.58 7.14 -10.90
C LEU B 55 15.25 7.31 -11.62
N LEU B 56 14.97 6.48 -12.63
CA LEU B 56 13.75 6.60 -13.40
C LEU B 56 12.73 5.53 -13.07
N SER B 57 12.83 4.88 -11.92
CA SER B 57 11.92 3.77 -11.66
C SER B 57 10.49 4.21 -11.35
N PHE B 58 10.23 5.52 -11.25
CA PHE B 58 8.85 6.02 -11.20
C PHE B 58 8.12 5.83 -12.52
N LEU B 59 8.84 5.47 -13.57
CA LEU B 59 8.27 5.28 -14.90
C LEU B 59 7.62 3.90 -14.99
N ARG B 60 6.41 3.85 -15.53
CA ARG B 60 5.74 2.57 -15.68
C ARG B 60 6.46 1.73 -16.73
N ARG B 61 6.52 0.42 -16.48
CA ARG B 61 7.18 -0.48 -17.42
C ARG B 61 6.26 -1.66 -17.67
N TRP B 62 6.28 -2.17 -18.89
CA TRP B 62 5.31 -3.17 -19.33
C TRP B 62 5.98 -4.46 -19.79
N ASN B 63 5.38 -5.59 -19.40
CA ASN B 63 5.51 -6.84 -20.13
C ASN B 63 4.09 -7.19 -20.57
N GLY B 64 3.76 -6.90 -21.82
CA GLY B 64 2.40 -7.10 -22.30
C GLY B 64 1.38 -6.45 -21.39
N SER B 65 0.52 -7.26 -20.78
CA SER B 65 -0.59 -6.77 -19.99
C SER B 65 -0.21 -6.47 -18.54
N THR B 66 1.08 -6.53 -18.19
CA THR B 66 1.53 -6.34 -16.82
C THR B 66 2.40 -5.10 -16.73
N ALA B 67 2.12 -4.24 -15.76
CA ALA B 67 2.81 -2.97 -15.57
C ALA B 67 3.40 -2.88 -14.17
N ILE B 68 4.53 -2.17 -14.07
CA ILE B 68 5.22 -1.97 -12.79
C ILE B 68 5.61 -0.50 -12.66
N THR B 69 5.46 0.03 -11.45
CA THR B 69 5.88 1.39 -11.11
C THR B 69 6.41 1.37 -9.69
N ASP B 70 7.45 2.15 -9.42
CA ASP B 70 8.18 2.07 -8.17
C ASP B 70 8.26 3.45 -7.55
N ASP B 71 7.83 3.56 -6.29
CA ASP B 71 7.91 4.79 -5.51
C ASP B 71 9.08 4.63 -4.55
N THR B 72 10.28 5.02 -5.02
CA THR B 72 11.50 4.77 -4.26
C THR B 72 11.63 5.69 -3.05
N LEU B 73 10.92 6.81 -3.02
CA LEU B 73 11.04 7.72 -1.87
C LEU B 73 10.24 7.20 -0.68
N GLY B 74 8.92 7.06 -0.85
CA GLY B 74 8.12 6.46 0.21
C GLY B 74 8.33 4.97 0.32
N GLY B 75 8.72 4.32 -0.78
CA GLY B 75 8.97 2.90 -0.77
C GLY B 75 7.72 2.08 -1.02
N THR B 76 7.09 2.27 -2.16
CA THR B 76 5.90 1.51 -2.52
C THR B 76 5.98 1.07 -3.97
N LEU B 77 6.05 -0.24 -4.17
CA LEU B 77 6.02 -0.84 -5.49
C LEU B 77 4.58 -1.13 -5.86
N THR B 78 4.23 -0.95 -7.12
CA THR B 78 2.85 -1.13 -7.57
C THR B 78 2.86 -1.90 -8.87
N ILE B 79 2.21 -3.06 -8.87
CA ILE B 79 2.05 -3.89 -10.05
C ILE B 79 0.61 -3.79 -10.48
N THR B 80 0.39 -3.59 -11.78
CA THR B 80 -0.94 -3.53 -12.36
C THR B 80 -1.08 -4.69 -13.32
N LEU B 81 -2.08 -5.52 -13.07
CA LEU B 81 -2.46 -6.59 -13.98
C LEU B 81 -3.62 -6.06 -14.81
N ARG B 82 -3.28 -5.59 -16.01
CA ARG B 82 -4.24 -5.02 -16.93
C ARG B 82 -4.94 -6.15 -17.67
N ASN B 83 -6.27 -6.15 -17.64
CA ASN B 83 -7.07 -7.18 -18.28
C ASN B 83 -6.74 -8.55 -17.68
N LEU B 84 -7.24 -8.80 -16.47
CA LEU B 84 -6.95 -10.06 -15.79
C LEU B 84 -7.56 -11.23 -16.55
N GLN B 85 -6.83 -12.33 -16.58
CA GLN B 85 -7.24 -13.56 -17.24
C GLN B 85 -7.14 -14.73 -16.27
N PRO B 86 -7.76 -15.87 -16.61
CA PRO B 86 -7.50 -17.07 -15.79
C PRO B 86 -6.03 -17.44 -15.72
N HIS B 87 -5.33 -17.46 -16.85
CA HIS B 87 -3.93 -17.87 -16.86
C HIS B 87 -3.04 -16.95 -16.04
N ASP B 88 -3.53 -15.77 -15.66
CA ASP B 88 -2.77 -14.89 -14.78
C ASP B 88 -2.79 -15.33 -13.33
N ALA B 89 -3.69 -16.23 -12.96
CA ALA B 89 -3.78 -16.66 -11.56
C ALA B 89 -2.52 -17.43 -11.17
N GLY B 90 -2.13 -17.30 -9.91
CA GLY B 90 -0.97 -18.00 -9.41
C GLY B 90 -0.29 -17.21 -8.30
N LEU B 91 0.93 -17.65 -7.98
CA LEU B 91 1.72 -17.09 -6.89
C LEU B 91 2.89 -16.31 -7.47
N TYR B 92 2.95 -15.02 -7.15
CA TYR B 92 4.03 -14.16 -7.61
C TYR B 92 4.75 -13.57 -6.42
N GLN B 93 5.89 -12.93 -6.67
CA GLN B 93 6.57 -12.19 -5.63
C GLN B 93 7.23 -10.93 -6.20
N CYS B 94 7.36 -9.93 -5.31
CA CYS B 94 8.11 -8.71 -5.55
C CYS B 94 9.53 -8.93 -5.07
N GLN B 95 10.48 -8.41 -5.82
CA GLN B 95 11.89 -8.68 -5.58
C GLN B 95 12.69 -7.40 -5.66
N SER B 96 13.60 -7.25 -4.72
CA SER B 96 14.61 -6.21 -4.74
C SER B 96 15.89 -6.82 -5.28
N LEU B 97 16.43 -6.25 -6.34
CA LEU B 97 17.53 -6.87 -7.06
C LEU B 97 18.85 -6.21 -6.69
N HIS B 98 19.87 -7.03 -6.48
CA HIS B 98 21.25 -6.56 -6.34
C HIS B 98 22.18 -7.59 -6.97
N GLY B 99 22.89 -7.16 -8.01
CA GLY B 99 23.79 -8.08 -8.70
C GLY B 99 23.02 -9.27 -9.23
N SER B 100 23.64 -10.44 -9.10
CA SER B 100 22.99 -11.67 -9.52
C SER B 100 21.79 -12.04 -8.66
N GLU B 101 21.72 -11.55 -7.42
CA GLU B 101 20.72 -12.05 -6.49
C GLU B 101 19.51 -11.13 -6.36
N ALA B 102 18.43 -11.69 -5.83
CA ALA B 102 17.18 -11.00 -5.56
C ALA B 102 16.66 -11.38 -4.18
N ASP B 103 16.21 -10.39 -3.43
CA ASP B 103 15.56 -10.60 -2.14
C ASP B 103 14.06 -10.36 -2.28
N THR B 104 13.28 -10.96 -1.41
CA THR B 104 11.83 -11.00 -1.55
C THR B 104 11.17 -9.97 -0.65
N LEU B 105 10.40 -9.07 -1.26
CA LEU B 105 9.72 -8.01 -0.52
C LEU B 105 8.32 -8.43 -0.11
N ARG B 106 7.64 -9.19 -0.95
CA ARG B 106 6.31 -9.72 -0.68
C ARG B 106 6.04 -10.84 -1.67
N LYS B 107 5.20 -11.80 -1.27
CA LYS B 107 4.63 -12.77 -2.18
C LYS B 107 3.12 -12.80 -2.00
N VAL B 108 2.40 -12.83 -3.12
CA VAL B 108 0.95 -12.75 -3.13
C VAL B 108 0.38 -13.83 -4.05
N LEU B 109 -0.84 -14.25 -3.76
CA LEU B 109 -1.63 -15.08 -4.64
C LEU B 109 -2.63 -14.19 -5.37
N VAL B 110 -2.89 -14.50 -6.64
CA VAL B 110 -3.97 -13.87 -7.39
C VAL B 110 -5.02 -14.92 -7.74
N GLU B 111 -6.29 -14.57 -7.53
CA GLU B 111 -7.45 -15.37 -7.90
C GLU B 111 -8.30 -14.60 -8.89
N VAL B 112 -9.18 -15.33 -9.59
CA VAL B 112 -10.00 -14.77 -10.65
C VAL B 112 -11.39 -15.38 -10.61
N LEU B 113 -12.41 -14.59 -10.96
CA LEU B 113 -13.74 -15.11 -11.28
C LEU B 113 -14.12 -14.57 -12.65
N ALA B 114 -14.74 -15.44 -13.46
CA ALA B 114 -15.00 -15.13 -14.87
C ALA B 114 -15.86 -13.89 -15.07
N ASP B 115 -15.59 -13.19 -16.18
CA ASP B 115 -16.35 -12.02 -16.60
C ASP B 115 -17.82 -12.35 -16.82
C1 NAG C . -3.28 -1.92 0.24
C2 NAG C . -3.10 -2.91 1.39
C3 NAG C . -4.21 -3.94 1.39
C4 NAG C . -5.55 -3.25 1.58
C5 NAG C . -5.74 -2.17 0.50
C6 NAG C . -5.97 -0.79 1.08
C7 NAG C . -0.99 -3.72 2.37
C8 NAG C . 0.30 -4.42 2.12
N2 NAG C . -1.80 -3.56 1.32
O3 NAG C . -4.00 -4.87 2.43
O4 NAG C . -6.61 -4.19 1.48
O5 NAG C . -4.60 -2.09 -0.37
O6 NAG C . -7.29 -0.34 0.83
O7 NAG C . -1.30 -3.31 3.48
C1 NAG D . 7.33 -11.24 -20.62
C2 NAG D . 8.84 -11.40 -20.45
C3 NAG D . 9.28 -12.80 -20.81
C4 NAG D . 8.60 -13.80 -19.87
C5 NAG D . 7.08 -13.62 -19.90
C6 NAG D . 6.48 -13.29 -18.55
C7 NAG D . 9.70 -10.10 -22.46
C8 NAG D . 8.89 -10.96 -23.41
N2 NAG D . 9.63 -10.37 -21.15
O3 NAG D . 10.69 -12.90 -20.68
O4 NAG D . 8.93 -15.12 -20.26
O5 NAG D . 6.69 -12.55 -20.81
O6 NAG D . 5.14 -12.84 -18.68
O7 NAG D . 10.41 -9.20 -22.89
#